data_3FEL
#
_entry.id   3FEL
#
_cell.length_a   34.803
_cell.length_b   36.678
_cell.length_c   56.892
_cell.angle_alpha   75.52
_cell.angle_beta   74.88
_cell.angle_gamma   88.40
#
_symmetry.space_group_name_H-M   'P 1'
#
loop_
_entity.id
_entity.type
_entity.pdbx_description
1 polymer 'Cellular retinoic acid-binding protein 2'
2 non-polymer 2-[3-(2-HYDROXY-1,1-DIHYDROXYMETHYL-ETHYLAMINO)-PROPYLAMINO]-2-HYDROXYMETHYL-PROPANE-1,3-DIOL
3 water water
#
_entity_poly.entity_id   1
_entity_poly.type   'polypeptide(L)'
_entity_poly.pdbx_seq_one_letter_code
;PNFSGNWKIIRSENFEELLKVLGVNVMLRKIAVAAASKPAVEIKQEGDTFYIKESTTVRTTEINFKVGEEFEEQTVDGRP
CKSLVKWESENKMVCEQKLLKGEGPKTSWTLELTNDGELILTMTADDVVCTKVYVRE
;
_entity_poly.pdbx_strand_id   A,B
#
loop_
_chem_comp.id
_chem_comp.type
_chem_comp.name
_chem_comp.formula
B3P non-polymer 2-[3-(2-HYDROXY-1,1-DIHYDROXYMETHYL-ETHYLAMINO)-PROPYLAMINO]-2-HYDROXYMETHYL-PROPANE-1,3-DIOL 'C11 H26 N2 O6'
#
# COMPACT_ATOMS: atom_id res chain seq x y z
N PRO A 1 -1.68 -13.81 -19.43
CA PRO A 1 -2.80 -14.28 -18.63
C PRO A 1 -4.09 -13.62 -19.09
N ASN A 2 -5.14 -14.42 -19.23
CA ASN A 2 -6.45 -13.93 -19.66
C ASN A 2 -7.50 -14.22 -18.60
N PHE A 3 -8.05 -13.17 -18.02
CA PHE A 3 -9.02 -13.28 -16.93
C PHE A 3 -10.46 -13.39 -17.43
N SER A 4 -10.67 -13.31 -18.74
CA SER A 4 -12.01 -13.21 -19.29
C SER A 4 -12.78 -14.48 -18.94
N GLY A 5 -14.06 -14.34 -18.63
CA GLY A 5 -14.89 -15.52 -18.38
C GLY A 5 -16.06 -15.24 -17.46
N ASN A 6 -16.95 -16.23 -17.33
CA ASN A 6 -17.95 -16.25 -16.27
C ASN A 6 -17.51 -17.16 -15.13
N TRP A 7 -17.35 -16.57 -13.96
CA TRP A 7 -16.74 -17.24 -12.83
C TRP A 7 -17.75 -17.60 -11.74
N LYS A 8 -17.62 -18.81 -11.20
CA LYS A 8 -18.48 -19.33 -10.15
C LYS A 8 -17.66 -19.59 -8.90
N ILE A 9 -18.18 -19.21 -7.75
CA ILE A 9 -17.38 -19.36 -6.54
C ILE A 9 -17.22 -20.79 -6.05
N ILE A 10 -16.00 -21.18 -5.67
CA ILE A 10 -15.78 -22.52 -5.10
C ILE A 10 -15.20 -22.51 -3.67
N ARG A 11 -14.64 -21.38 -3.25
CA ARG A 11 -14.24 -21.29 -1.88
C ARG A 11 -14.43 -19.87 -1.38
N SER A 12 -14.72 -19.73 -0.11
CA SER A 12 -14.76 -18.41 0.50
C SER A 12 -14.34 -18.53 1.95
N GLU A 13 -13.55 -17.58 2.42
CA GLU A 13 -12.97 -17.72 3.73
C GLU A 13 -12.87 -16.34 4.35
N ASN A 14 -13.50 -16.17 5.51
CA ASN A 14 -13.41 -14.92 6.26
C ASN A 14 -14.25 -13.76 5.74
N PHE A 15 -15.22 -14.00 4.86
CA PHE A 15 -15.98 -12.90 4.28
C PHE A 15 -16.79 -12.18 5.33
N GLU A 16 -17.43 -12.94 6.21
CA GLU A 16 -18.36 -12.32 7.15
C GLU A 16 -17.63 -11.55 8.23
N GLU A 17 -16.49 -12.07 8.66
CA GLU A 17 -15.65 -11.37 9.64
C GLU A 17 -15.06 -10.10 9.06
N LEU A 18 -14.67 -10.12 7.80
CA LEU A 18 -14.27 -8.89 7.13
C LEU A 18 -15.38 -7.85 7.23
N LEU A 19 -16.62 -8.24 6.95
CA LEU A 19 -17.71 -7.27 7.01
C LEU A 19 -17.89 -6.79 8.44
N LYS A 20 -17.82 -7.73 9.37
CA LYS A 20 -17.98 -7.45 10.80
C LYS A 20 -16.99 -6.38 11.30
N VAL A 21 -15.70 -6.56 11.01
CA VAL A 21 -14.67 -5.59 11.46
C VAL A 21 -14.81 -4.21 10.81
N LEU A 22 -15.47 -4.16 9.65
CA LEU A 22 -15.76 -2.89 9.01
C LEU A 22 -17.03 -2.25 9.57
N GLY A 23 -17.56 -2.83 10.65
CA GLY A 23 -18.76 -2.32 11.30
C GLY A 23 -20.08 -2.52 10.59
N VAL A 24 -20.14 -3.49 9.68
CA VAL A 24 -21.40 -3.81 9.01
C VAL A 24 -22.36 -4.54 9.96
N ASN A 25 -23.57 -3.99 10.15
CA ASN A 25 -24.50 -4.54 11.14
C ASN A 25 -24.94 -5.98 10.84
N VAL A 26 -25.47 -6.67 11.86
CA VAL A 26 -25.75 -8.13 11.73
C VAL A 26 -26.77 -8.46 10.65
N MET A 27 -27.85 -7.70 10.59
CA MET A 27 -28.85 -7.90 9.55
C MET A 27 -28.19 -7.96 8.18
N LEU A 28 -27.47 -6.90 7.83
CA LEU A 28 -26.82 -6.80 6.52
C LEU A 28 -25.74 -7.85 6.25
N ARG A 29 -25.02 -8.28 7.29
CA ARG A 29 -24.01 -9.33 7.12
C ARG A 29 -24.68 -10.65 6.76
N LYS A 30 -25.74 -10.97 7.46
CA LYS A 30 -26.48 -12.20 7.18
C LYS A 30 -26.95 -12.20 5.73
N ILE A 31 -27.54 -11.08 5.30
CA ILE A 31 -28.04 -10.98 3.93
C ILE A 31 -26.89 -11.09 2.96
N ALA A 32 -25.87 -10.24 3.14
CA ALA A 32 -24.68 -10.28 2.29
C ALA A 32 -24.07 -11.67 2.20
N VAL A 33 -24.00 -12.36 3.34
CA VAL A 33 -23.36 -13.67 3.36
C VAL A 33 -24.25 -14.73 2.70
N ALA A 34 -25.55 -14.69 2.99
CA ALA A 34 -26.47 -15.61 2.33
C ALA A 34 -26.39 -15.40 0.82
N ALA A 35 -26.50 -14.14 0.40
CA ALA A 35 -26.50 -13.79 -1.01
C ALA A 35 -25.18 -14.05 -1.73
N ALA A 36 -24.06 -13.86 -1.02
CA ALA A 36 -22.74 -14.08 -1.62
C ALA A 36 -22.35 -15.56 -1.78
N SER A 37 -23.27 -16.46 -1.40
CA SER A 37 -23.03 -17.88 -1.58
C SER A 37 -23.40 -18.32 -3.00
N LYS A 38 -24.12 -17.45 -3.70
CA LYS A 38 -24.62 -17.70 -5.05
C LYS A 38 -24.33 -16.49 -5.95
N PRO A 39 -23.06 -16.08 -6.03
CA PRO A 39 -22.77 -14.93 -6.89
C PRO A 39 -22.53 -15.31 -8.36
N ALA A 40 -22.41 -14.29 -9.20
CA ALA A 40 -21.93 -14.44 -10.56
C ALA A 40 -20.89 -13.35 -10.83
N VAL A 41 -19.67 -13.76 -11.19
CA VAL A 41 -18.63 -12.80 -11.57
C VAL A 41 -18.36 -12.92 -13.06
N GLU A 42 -18.54 -11.84 -13.79
CA GLU A 42 -18.24 -11.83 -15.21
C GLU A 42 -17.08 -10.88 -15.45
N ILE A 43 -16.06 -11.35 -16.16
CA ILE A 43 -14.90 -10.50 -16.48
C ILE A 43 -14.71 -10.47 -17.98
N LYS A 44 -14.49 -9.27 -18.52
CA LYS A 44 -14.05 -9.16 -19.89
C LYS A 44 -12.73 -8.37 -19.91
N GLN A 45 -11.64 -9.05 -20.26
CA GLN A 45 -10.29 -8.44 -20.38
C GLN A 45 -9.82 -8.26 -21.82
N GLU A 46 -9.43 -7.04 -22.17
CA GLU A 46 -8.81 -6.77 -23.45
C GLU A 46 -7.47 -6.08 -23.17
N GLY A 47 -6.40 -6.87 -23.08
CA GLY A 47 -5.11 -6.32 -22.65
C GLY A 47 -5.18 -5.79 -21.23
N ASP A 48 -4.85 -4.52 -21.05
CA ASP A 48 -4.87 -3.89 -19.74
C ASP A 48 -6.24 -3.32 -19.41
N THR A 49 -7.18 -3.43 -20.35
CA THR A 49 -8.52 -2.88 -20.12
C THR A 49 -9.46 -3.99 -19.62
N PHE A 50 -10.24 -3.71 -18.57
CA PHE A 50 -11.09 -4.73 -17.93
C PHE A 50 -12.51 -4.20 -17.71
N TYR A 51 -13.46 -5.11 -17.80
CA TYR A 51 -14.81 -4.90 -17.32
C TYR A 51 -15.12 -6.04 -16.36
N ILE A 52 -15.56 -5.71 -15.15
CA ILE A 52 -15.86 -6.72 -14.14
C ILE A 52 -17.23 -6.46 -13.55
N LYS A 53 -18.09 -7.48 -13.58
CA LYS A 53 -19.40 -7.37 -12.97
C LYS A 53 -19.56 -8.49 -11.96
N GLU A 54 -19.94 -8.16 -10.74
CA GLU A 54 -20.32 -9.17 -9.76
C GLU A 54 -21.79 -9.00 -9.40
N SER A 55 -22.48 -10.12 -9.23
CA SER A 55 -23.89 -10.11 -8.90
C SER A 55 -24.18 -11.12 -7.82
N THR A 56 -24.98 -10.74 -6.84
CA THR A 56 -25.56 -11.68 -5.92
C THR A 56 -27.07 -11.55 -6.10
N THR A 57 -27.85 -12.17 -5.24
CA THR A 57 -29.31 -12.00 -5.35
C THR A 57 -29.78 -10.58 -5.02
N VAL A 58 -28.99 -9.84 -4.24
CA VAL A 58 -29.44 -8.54 -3.72
C VAL A 58 -28.56 -7.35 -4.08
N ARG A 59 -27.40 -7.61 -4.67
CA ARG A 59 -26.50 -6.54 -5.07
CA ARG A 59 -26.48 -6.53 -5.06
C ARG A 59 -25.77 -6.83 -6.38
N THR A 60 -25.45 -5.77 -7.10
CA THR A 60 -24.72 -5.87 -8.35
CA THR A 60 -24.74 -5.86 -8.36
C THR A 60 -23.74 -4.70 -8.41
N THR A 61 -22.53 -4.98 -8.86
CA THR A 61 -21.49 -3.95 -9.05
CA THR A 61 -21.53 -3.94 -9.06
C THR A 61 -20.80 -4.14 -10.40
N GLU A 62 -20.50 -3.04 -11.07
CA GLU A 62 -19.82 -3.11 -12.35
C GLU A 62 -18.72 -2.08 -12.38
N ILE A 63 -17.53 -2.50 -12.82
CA ILE A 63 -16.41 -1.57 -12.99
C ILE A 63 -15.78 -1.75 -14.36
N ASN A 64 -15.29 -0.65 -14.92
CA ASN A 64 -14.55 -0.65 -16.16
C ASN A 64 -13.29 0.14 -15.85
N PHE A 65 -12.13 -0.48 -16.00
CA PHE A 65 -10.86 0.20 -15.74
C PHE A 65 -9.76 -0.22 -16.72
N LYS A 66 -8.68 0.57 -16.73
CA LYS A 66 -7.48 0.20 -17.45
C LYS A 66 -6.37 0.21 -16.39
N VAL A 67 -5.57 -0.84 -16.38
CA VAL A 67 -4.50 -0.90 -15.40
C VAL A 67 -3.71 0.38 -15.54
N GLY A 68 -3.33 0.96 -14.42
CA GLY A 68 -2.50 2.17 -14.44
C GLY A 68 -3.30 3.46 -14.47
N GLU A 69 -4.62 3.37 -14.63
CA GLU A 69 -5.42 4.59 -14.67
C GLU A 69 -6.50 4.62 -13.58
N GLU A 70 -6.62 5.74 -12.89
CA GLU A 70 -7.52 5.80 -11.74
C GLU A 70 -8.97 5.76 -12.16
N PHE A 71 -9.78 5.01 -11.41
CA PHE A 71 -11.21 4.92 -11.66
C PHE A 71 -11.95 4.96 -10.33
N GLU A 72 -13.28 5.11 -10.37
CA GLU A 72 -14.08 5.18 -9.16
C GLU A 72 -14.85 3.88 -8.98
N GLU A 73 -14.93 3.41 -7.74
CA GLU A 73 -15.69 2.22 -7.40
C GLU A 73 -16.16 2.34 -5.96
N GLN A 74 -16.33 1.21 -5.27
CA GLN A 74 -16.76 1.25 -3.88
C GLN A 74 -15.97 0.24 -3.10
N THR A 75 -15.82 0.47 -1.81
CA THR A 75 -15.18 -0.51 -0.95
C THR A 75 -16.17 -1.65 -0.73
N VAL A 76 -15.68 -2.72 -0.13
CA VAL A 76 -16.52 -3.91 0.09
C VAL A 76 -17.75 -3.57 0.94
N ASP A 77 -17.64 -2.55 1.79
CA ASP A 77 -18.78 -2.12 2.62
C ASP A 77 -19.58 -0.98 2.00
N GLY A 78 -19.38 -0.73 0.71
CA GLY A 78 -20.23 0.20 -0.02
C GLY A 78 -19.83 1.66 -0.01
N ARG A 79 -18.62 1.98 0.44
CA ARG A 79 -18.13 3.36 0.47
CA ARG A 79 -18.14 3.36 0.46
C ARG A 79 -17.43 3.77 -0.83
N PRO A 80 -17.81 4.91 -1.42
CA PRO A 80 -17.18 5.36 -2.67
C PRO A 80 -15.67 5.58 -2.53
N CYS A 81 -14.91 5.13 -3.51
CA CYS A 81 -13.46 5.29 -3.45
C CYS A 81 -12.87 5.48 -4.85
N LYS A 82 -11.67 6.05 -4.90
CA LYS A 82 -10.86 6.11 -6.10
C LYS A 82 -9.85 4.97 -6.05
N SER A 83 -9.78 4.20 -7.13
CA SER A 83 -8.95 3.00 -7.18
C SER A 83 -7.87 3.07 -8.26
N LEU A 84 -6.79 2.34 -8.05
CA LEU A 84 -5.75 2.23 -9.06
C LEU A 84 -5.23 0.82 -9.06
N VAL A 85 -5.23 0.20 -10.23
CA VAL A 85 -4.77 -1.17 -10.35
C VAL A 85 -3.41 -1.22 -11.04
N LYS A 86 -2.53 -2.06 -10.52
N LYS A 86 -2.52 -2.05 -10.52
CA LYS A 86 -1.22 -2.27 -11.09
CA LYS A 86 -1.25 -2.27 -11.16
C LYS A 86 -0.95 -3.78 -11.20
C LYS A 86 -1.00 -3.78 -11.25
N TRP A 87 -0.13 -4.18 -12.17
CA TRP A 87 0.28 -5.58 -12.28
C TRP A 87 1.41 -5.81 -11.28
N GLU A 88 1.26 -6.85 -10.46
CA GLU A 88 2.34 -7.25 -9.56
C GLU A 88 3.22 -8.25 -10.29
N SER A 89 2.58 -9.10 -11.08
CA SER A 89 3.29 -9.99 -11.97
C SER A 89 2.41 -10.24 -13.17
N GLU A 90 2.76 -11.23 -13.97
CA GLU A 90 2.05 -11.49 -15.20
C GLU A 90 0.60 -11.90 -14.96
N ASN A 91 0.33 -12.53 -13.82
CA ASN A 91 -0.96 -13.15 -13.56
CA ASN A 91 -1.01 -13.09 -13.60
C ASN A 91 -1.66 -12.58 -12.33
N LYS A 92 -1.21 -11.44 -11.86
CA LYS A 92 -1.68 -10.91 -10.60
C LYS A 92 -1.76 -9.40 -10.66
N MET A 93 -2.95 -8.86 -10.38
CA MET A 93 -3.14 -7.42 -10.31
C MET A 93 -3.44 -7.05 -8.86
N VAL A 94 -3.07 -5.83 -8.48
CA VAL A 94 -3.37 -5.37 -7.15
CA VAL A 94 -3.30 -5.33 -7.13
C VAL A 94 -3.96 -3.97 -7.24
N CYS A 95 -4.97 -3.72 -6.40
CA CYS A 95 -5.71 -2.48 -6.42
C CYS A 95 -5.58 -1.78 -5.08
N GLU A 96 -5.14 -0.53 -5.09
CA GLU A 96 -5.13 0.28 -3.87
C GLU A 96 -6.32 1.20 -3.92
N GLN A 97 -7.05 1.28 -2.82
CA GLN A 97 -8.25 2.10 -2.78
C GLN A 97 -8.05 3.30 -1.86
N LYS A 98 -8.57 4.45 -2.30
CA LYS A 98 -8.62 5.66 -1.47
C LYS A 98 -10.05 6.19 -1.39
N LEU A 99 -10.53 6.43 -0.18
CA LEU A 99 -11.88 6.94 -0.01
C LEU A 99 -12.02 8.32 -0.64
N LEU A 100 -13.16 8.58 -1.27
CA LEU A 100 -13.40 9.88 -1.86
C LEU A 100 -13.73 10.87 -0.76
N LYS A 101 -14.50 10.43 0.22
CA LYS A 101 -14.87 11.31 1.33
C LYS A 101 -14.47 10.68 2.65
N GLY A 102 -13.78 11.46 3.48
CA GLY A 102 -13.47 11.03 4.84
C GLY A 102 -12.31 10.06 4.92
N GLU A 103 -12.21 9.39 6.06
CA GLU A 103 -11.13 8.45 6.32
C GLU A 103 -11.71 7.08 6.67
N GLY A 104 -10.85 6.08 6.70
CA GLY A 104 -11.28 4.71 7.01
C GLY A 104 -10.12 3.75 6.94
N PRO A 105 -10.37 2.45 7.19
CA PRO A 105 -9.32 1.46 7.14
C PRO A 105 -8.68 1.41 5.74
N LYS A 106 -7.41 1.02 5.67
CA LYS A 106 -6.74 0.90 4.41
C LYS A 106 -7.31 -0.34 3.71
N THR A 107 -7.92 -0.16 2.54
CA THR A 107 -8.49 -1.30 1.83
C THR A 107 -7.79 -1.53 0.50
N SER A 108 -7.74 -2.79 0.07
CA SER A 108 -7.17 -3.12 -1.22
C SER A 108 -7.79 -4.42 -1.65
N TRP A 109 -7.53 -4.80 -2.89
CA TRP A 109 -7.92 -6.14 -3.33
C TRP A 109 -6.95 -6.62 -4.39
N THR A 110 -6.85 -7.93 -4.57
CA THR A 110 -5.97 -8.45 -5.59
C THR A 110 -6.72 -9.51 -6.34
N LEU A 111 -6.35 -9.72 -7.60
CA LEU A 111 -6.90 -10.84 -8.38
C LEU A 111 -5.75 -11.52 -9.06
N GLU A 112 -5.70 -12.84 -8.97
CA GLU A 112 -4.63 -13.62 -9.56
CA GLU A 112 -4.66 -13.58 -9.62
C GLU A 112 -5.25 -14.82 -10.25
N LEU A 113 -4.72 -15.20 -11.39
CA LEU A 113 -5.11 -16.42 -12.09
CA LEU A 113 -5.14 -16.43 -12.04
C LEU A 113 -4.06 -17.49 -11.89
N THR A 114 -4.47 -18.69 -11.53
N THR A 114 -4.48 -18.69 -11.52
CA THR A 114 -3.53 -19.76 -11.34
CA THR A 114 -3.56 -19.79 -11.29
C THR A 114 -3.33 -20.54 -12.64
C THR A 114 -3.38 -20.61 -12.58
N ASN A 115 -2.30 -21.37 -12.64
CA ASN A 115 -2.00 -22.17 -13.80
C ASN A 115 -3.12 -23.19 -14.00
N ASP A 116 -3.75 -23.61 -12.90
CA ASP A 116 -4.87 -24.56 -12.96
C ASP A 116 -6.24 -23.92 -13.27
N GLY A 117 -6.26 -22.64 -13.62
CA GLY A 117 -7.49 -21.99 -14.08
C GLY A 117 -8.45 -21.48 -13.00
N GLU A 118 -7.92 -21.28 -11.80
CA GLU A 118 -8.70 -20.74 -10.69
C GLU A 118 -8.42 -19.24 -10.58
N LEU A 119 -9.43 -18.49 -10.16
CA LEU A 119 -9.28 -17.06 -9.98
C LEU A 119 -9.33 -16.85 -8.48
N ILE A 120 -8.32 -16.17 -7.91
CA ILE A 120 -8.25 -15.96 -6.48
C ILE A 120 -8.39 -14.47 -6.23
N LEU A 121 -9.42 -14.09 -5.50
CA LEU A 121 -9.60 -12.72 -5.07
C LEU A 121 -9.17 -12.65 -3.61
N THR A 122 -8.30 -11.70 -3.24
CA THR A 122 -8.18 -11.40 -1.82
C THR A 122 -8.68 -9.98 -1.62
N MET A 123 -9.32 -9.74 -0.48
CA MET A 123 -9.72 -8.42 -0.10
C MET A 123 -9.17 -8.20 1.30
N THR A 124 -8.48 -7.07 1.51
CA THR A 124 -7.95 -6.74 2.82
CA THR A 124 -7.94 -6.75 2.81
C THR A 124 -8.52 -5.44 3.35
N ALA A 125 -8.75 -5.40 4.66
CA ALA A 125 -9.10 -4.16 5.32
C ALA A 125 -8.17 -4.12 6.53
N ASP A 126 -7.12 -3.30 6.45
CA ASP A 126 -6.09 -3.26 7.49
C ASP A 126 -5.39 -4.61 7.63
N ASP A 127 -5.67 -5.34 8.71
CA ASP A 127 -5.06 -6.66 8.93
C ASP A 127 -6.03 -7.86 8.81
N VAL A 128 -7.22 -7.64 8.26
CA VAL A 128 -8.14 -8.75 8.06
C VAL A 128 -8.23 -9.05 6.57
N VAL A 129 -7.96 -10.31 6.20
CA VAL A 129 -7.87 -10.74 4.80
C VAL A 129 -9.01 -11.72 4.50
N CYS A 130 -9.71 -11.52 3.39
CA CYS A 130 -10.75 -12.45 2.95
C CYS A 130 -10.28 -13.04 1.64
N THR A 131 -10.41 -14.35 1.46
CA THR A 131 -10.07 -14.92 0.17
C THR A 131 -11.31 -15.60 -0.45
N LYS A 132 -11.48 -15.47 -1.76
CA LYS A 132 -12.55 -16.18 -2.48
C LYS A 132 -11.89 -16.78 -3.70
N VAL A 133 -12.33 -17.96 -4.10
CA VAL A 133 -11.73 -18.62 -5.24
C VAL A 133 -12.88 -19.01 -6.20
N TYR A 134 -12.63 -18.83 -7.50
CA TYR A 134 -13.64 -19.04 -8.52
C TYR A 134 -13.02 -19.93 -9.60
N VAL A 135 -13.88 -20.62 -10.32
CA VAL A 135 -13.49 -21.37 -11.50
C VAL A 135 -14.43 -20.90 -12.63
N ARG A 136 -14.00 -21.05 -13.88
CA ARG A 136 -14.88 -20.69 -15.01
C ARG A 136 -16.11 -21.61 -15.14
N GLU A 137 -17.24 -21.06 -15.59
CA GLU A 137 -18.29 -21.93 -16.13
C GLU A 137 -18.11 -22.11 -17.64
N PRO B 1 20.71 14.41 21.90
CA PRO B 1 20.46 13.11 21.32
C PRO B 1 18.99 12.75 21.39
N ASN B 2 18.14 13.74 21.67
CA ASN B 2 16.70 13.52 21.65
CA ASN B 2 16.70 13.54 21.66
C ASN B 2 16.15 13.88 20.29
N PHE B 3 15.76 12.86 19.54
CA PHE B 3 15.19 13.05 18.20
C PHE B 3 13.73 13.48 18.27
N SER B 4 13.18 13.53 19.48
CA SER B 4 11.75 13.80 19.64
C SER B 4 11.39 15.16 19.11
N GLY B 5 10.17 15.28 18.61
CA GLY B 5 9.67 16.57 18.14
C GLY B 5 8.92 16.46 16.85
N ASN B 6 8.44 17.61 16.36
CA ASN B 6 7.79 17.70 15.07
C ASN B 6 8.67 18.53 14.15
N TRP B 7 9.16 17.91 13.08
CA TRP B 7 10.18 18.51 12.27
C TRP B 7 9.60 18.97 10.93
N LYS B 8 10.01 20.14 10.48
CA LYS B 8 9.60 20.66 9.19
C LYS B 8 10.80 20.83 8.27
N ILE B 9 10.63 20.45 7.02
CA ILE B 9 11.74 20.49 6.08
C ILE B 9 12.15 21.92 5.74
N ILE B 10 13.46 22.15 5.62
CA ILE B 10 13.97 23.45 5.16
C ILE B 10 14.77 23.33 3.87
N ARG B 11 15.26 22.13 3.56
CA ARG B 11 15.95 21.89 2.30
C ARG B 11 15.83 20.45 1.85
N SER B 12 15.81 20.25 0.55
CA SER B 12 15.76 18.93 -0.03
C SER B 12 16.59 18.87 -1.32
N GLU B 13 17.36 17.79 -1.49
CA GLU B 13 18.14 17.68 -2.71
C GLU B 13 18.22 16.25 -3.21
N ASN B 14 18.15 16.11 -4.54
CA ASN B 14 18.28 14.82 -5.22
C ASN B 14 17.16 13.83 -4.98
N PHE B 15 16.01 14.29 -4.53
CA PHE B 15 14.91 13.35 -4.30
C PHE B 15 14.49 12.65 -5.59
N GLU B 16 14.17 13.42 -6.61
CA GLU B 16 13.79 12.81 -7.89
C GLU B 16 14.93 12.03 -8.54
N GLU B 17 16.16 12.49 -8.34
CA GLU B 17 17.33 11.82 -8.90
C GLU B 17 17.51 10.44 -8.29
N LEU B 18 17.28 10.35 -6.99
CA LEU B 18 17.28 9.07 -6.30
C LEU B 18 16.19 8.10 -6.79
N LEU B 19 14.98 8.59 -7.04
CA LEU B 19 13.90 7.75 -7.59
C LEU B 19 14.21 7.28 -9.02
N LYS B 20 14.78 8.19 -9.81
CA LYS B 20 15.17 7.92 -11.17
C LYS B 20 16.17 6.77 -11.28
N VAL B 21 17.13 6.70 -10.37
CA VAL B 21 18.15 5.64 -10.43
C VAL B 21 17.61 4.32 -9.90
N LEU B 22 16.55 4.38 -9.11
CA LEU B 22 15.88 3.17 -8.66
C LEU B 22 14.95 2.68 -9.76
N GLY B 23 14.89 3.42 -10.86
CA GLY B 23 14.05 3.05 -11.99
C GLY B 23 12.60 3.49 -11.94
N VAL B 24 12.28 4.50 -11.12
CA VAL B 24 10.94 5.06 -11.11
C VAL B 24 10.72 5.96 -12.32
N ASN B 25 9.66 5.69 -13.11
CA ASN B 25 9.44 6.50 -14.33
C ASN B 25 9.00 7.92 -14.00
N VAL B 26 9.15 8.83 -14.97
CA VAL B 26 8.97 10.27 -14.71
C VAL B 26 7.56 10.63 -14.24
N MET B 27 6.56 9.91 -14.74
CA MET B 27 5.19 10.18 -14.29
C MET B 27 5.07 9.90 -12.81
N LEU B 28 5.63 8.78 -12.37
CA LEU B 28 5.50 8.39 -10.98
C LEU B 28 6.36 9.29 -10.09
N ARG B 29 7.52 9.72 -10.59
CA ARG B 29 8.33 10.69 -9.86
C ARG B 29 7.57 11.98 -9.62
N LYS B 30 6.90 12.51 -10.65
CA LYS B 30 6.13 13.76 -10.49
C LYS B 30 4.94 13.60 -9.54
N ILE B 31 4.34 12.42 -9.50
CA ILE B 31 3.31 12.12 -8.53
CA ILE B 31 3.32 12.11 -8.53
C ILE B 31 3.97 12.04 -7.14
N ALA B 32 5.17 11.48 -7.07
CA ALA B 32 5.85 11.42 -5.78
C ALA B 32 6.08 12.84 -5.25
N VAL B 33 6.44 13.75 -6.15
CA VAL B 33 6.72 15.13 -5.74
C VAL B 33 5.47 15.80 -5.17
N ALA B 34 4.34 15.62 -5.85
CA ALA B 34 3.06 16.11 -5.33
C ALA B 34 2.75 15.54 -3.96
N ALA B 35 2.91 14.24 -3.82
CA ALA B 35 2.57 13.52 -2.59
C ALA B 35 3.50 13.86 -1.43
N ALA B 36 4.66 14.45 -1.73
CA ALA B 36 5.64 14.85 -0.71
C ALA B 36 5.55 16.32 -0.30
N SER B 37 4.41 16.96 -0.59
CA SER B 37 4.22 18.37 -0.28
C SER B 37 4.06 18.64 1.20
N LYS B 38 4.73 19.68 1.68
CA LYS B 38 4.57 20.13 3.05
C LYS B 38 4.74 19.02 4.07
N PRO B 39 5.86 18.29 3.99
CA PRO B 39 6.01 17.17 4.90
C PRO B 39 6.14 17.65 6.34
N ALA B 40 5.59 16.88 7.26
CA ALA B 40 5.77 17.11 8.70
C ALA B 40 6.19 15.78 9.31
N VAL B 41 7.38 15.75 9.91
CA VAL B 41 7.87 14.51 10.49
C VAL B 41 7.80 14.55 12.01
N GLU B 42 6.95 13.70 12.58
CA GLU B 42 6.82 13.65 14.03
C GLU B 42 7.57 12.45 14.58
N ILE B 43 8.52 12.71 15.48
CA ILE B 43 9.30 11.64 16.10
C ILE B 43 9.02 11.61 17.60
N LYS B 44 8.76 10.41 18.11
CA LYS B 44 8.69 10.17 19.54
C LYS B 44 9.72 9.11 19.88
N GLN B 45 10.78 9.54 20.55
CA GLN B 45 11.85 8.64 20.91
C GLN B 45 11.73 8.25 22.39
N GLU B 46 11.61 6.95 22.65
CA GLU B 46 11.66 6.42 24.00
C GLU B 46 12.87 5.52 24.11
N GLY B 47 14.00 6.09 24.52
CA GLY B 47 15.25 5.34 24.56
C GLY B 47 15.67 4.95 23.15
N ASP B 48 15.75 3.64 22.91
CA ASP B 48 16.13 3.14 21.60
C ASP B 48 14.89 2.69 20.82
N THR B 49 13.70 3.01 21.34
CA THR B 49 12.49 2.66 20.62
CA THR B 49 12.45 2.67 20.66
C THR B 49 11.89 3.90 19.95
N PHE B 50 11.61 3.76 18.66
CA PHE B 50 11.17 4.92 17.90
C PHE B 50 9.80 4.77 17.29
N TYR B 51 9.03 5.84 17.35
CA TYR B 51 7.83 5.96 16.55
C TYR B 51 8.03 7.19 15.70
N ILE B 52 8.03 6.99 14.39
CA ILE B 52 8.22 8.07 13.45
C ILE B 52 7.01 8.12 12.52
N LYS B 53 6.33 9.26 12.53
CA LYS B 53 5.23 9.46 11.62
C LYS B 53 5.55 10.60 10.67
N GLU B 54 5.48 10.32 9.36
CA GLU B 54 5.67 11.35 8.36
C GLU B 54 4.33 11.66 7.71
N SER B 55 3.93 12.93 7.74
CA SER B 55 2.64 13.33 7.19
C SER B 55 2.84 14.41 6.13
N THR B 56 2.24 14.21 4.97
CA THR B 56 2.26 15.24 3.94
C THR B 56 0.83 15.67 3.74
N THR B 57 0.60 16.56 2.79
CA THR B 57 -0.76 16.98 2.48
C THR B 57 -1.65 15.81 2.06
N VAL B 58 -1.07 14.77 1.46
CA VAL B 58 -1.91 13.69 0.91
C VAL B 58 -1.86 12.38 1.67
N ARG B 59 -0.74 12.09 2.33
CA ARG B 59 -0.54 10.77 2.95
C ARG B 59 0.18 10.78 4.31
N THR B 60 0.13 9.63 4.98
CA THR B 60 0.72 9.49 6.31
C THR B 60 1.34 8.10 6.53
N THR B 61 2.65 8.06 6.77
CA THR B 61 3.28 6.80 7.10
C THR B 61 3.75 6.80 8.54
N GLU B 62 3.72 5.61 9.15
CA GLU B 62 4.19 5.44 10.50
C GLU B 62 5.07 4.19 10.56
N ILE B 63 6.19 4.30 11.26
CA ILE B 63 6.97 3.11 11.57
C ILE B 63 7.20 3.12 13.06
N ASN B 64 7.26 1.94 13.64
CA ASN B 64 7.61 1.78 15.04
C ASN B 64 8.77 0.81 15.01
N PHE B 65 9.86 1.16 15.69
CA PHE B 65 11.02 0.28 15.74
C PHE B 65 11.86 0.48 16.97
N LYS B 66 12.67 -0.53 17.28
CA LYS B 66 13.67 -0.44 18.34
C LYS B 66 15.02 -0.64 17.69
N VAL B 67 15.96 0.23 18.01
CA VAL B 67 17.31 0.11 17.50
C VAL B 67 17.83 -1.29 17.82
N GLY B 68 18.18 -2.03 16.78
CA GLY B 68 18.74 -3.37 16.95
C GLY B 68 17.74 -4.48 16.76
N GLU B 69 16.49 -4.12 16.45
CA GLU B 69 15.43 -5.10 16.32
C GLU B 69 14.77 -4.98 14.95
N GLU B 70 14.77 -6.06 14.20
CA GLU B 70 14.24 -6.05 12.85
C GLU B 70 12.77 -5.69 12.83
N PHE B 71 12.38 -4.94 11.81
CA PHE B 71 10.99 -4.55 11.61
C PHE B 71 10.70 -4.45 10.13
N GLU B 72 9.42 -4.31 9.80
CA GLU B 72 8.98 -4.19 8.40
C GLU B 72 8.61 -2.75 8.06
N GLU B 73 9.06 -2.28 6.90
CA GLU B 73 8.67 -0.98 6.37
C GLU B 73 8.66 -1.10 4.85
N GLN B 74 8.88 0.02 4.16
CA GLN B 74 9.00 0.02 2.72
C GLN B 74 10.26 0.78 2.30
N THR B 75 10.79 0.48 1.13
CA THR B 75 11.87 1.29 0.58
C THR B 75 11.28 2.59 0.03
N VAL B 76 12.13 3.55 -0.33
CA VAL B 76 11.65 4.86 -0.79
C VAL B 76 10.80 4.73 -2.04
N ASP B 77 11.01 3.64 -2.77
CA ASP B 77 10.24 3.39 -3.98
C ASP B 77 9.10 2.38 -3.77
N GLY B 78 8.69 2.19 -2.52
CA GLY B 78 7.46 1.45 -2.23
C GLY B 78 7.54 -0.05 -1.98
N ARG B 79 8.72 -0.63 -2.17
CA ARG B 79 8.85 -2.07 -1.99
C ARG B 79 8.90 -2.45 -0.51
N PRO B 80 8.14 -3.48 -0.13
CA PRO B 80 8.21 -3.97 1.24
C PRO B 80 9.61 -4.50 1.53
N CYS B 81 10.13 -4.20 2.71
CA CYS B 81 11.46 -4.62 3.07
C CYS B 81 11.55 -4.87 4.57
N LYS B 82 12.60 -5.57 4.98
CA LYS B 82 12.88 -5.75 6.39
C LYS B 82 14.01 -4.81 6.73
N SER B 83 13.85 -4.07 7.83
CA SER B 83 14.82 -3.03 8.19
C SER B 83 15.44 -3.27 9.56
N LEU B 84 16.67 -2.77 9.73
CA LEU B 84 17.38 -2.88 10.98
C LEU B 84 18.16 -1.59 11.21
N VAL B 85 17.77 -0.85 12.25
CA VAL B 85 18.42 0.42 12.59
C VAL B 85 19.54 0.19 13.63
N LYS B 86 20.68 0.82 13.40
CA LYS B 86 21.81 0.71 14.30
C LYS B 86 22.35 2.09 14.59
N TRP B 87 22.96 2.30 15.76
CA TRP B 87 23.59 3.58 16.03
C TRP B 87 24.90 3.67 15.27
N GLU B 88 25.20 4.81 14.69
CA GLU B 88 26.51 5.00 14.06
C GLU B 88 27.36 5.85 14.97
N SER B 89 26.69 6.70 15.74
CA SER B 89 27.37 7.65 16.61
C SER B 89 26.39 8.10 17.66
N GLU B 90 26.82 8.99 18.54
CA GLU B 90 25.93 9.51 19.56
C GLU B 90 24.68 10.10 18.94
N ASN B 91 24.84 10.72 17.76
CA ASN B 91 23.81 11.53 17.14
C ASN B 91 23.30 11.01 15.80
N LYS B 92 23.69 9.81 15.41
CA LYS B 92 23.33 9.36 14.07
C LYS B 92 22.94 7.89 14.06
N MET B 93 21.82 7.59 13.40
CA MET B 93 21.41 6.21 13.19
C MET B 93 21.40 5.87 11.70
N VAL B 94 21.60 4.59 11.40
CA VAL B 94 21.65 4.12 10.02
CA VAL B 94 21.65 4.13 10.03
C VAL B 94 20.73 2.92 9.86
N CYS B 95 19.96 2.89 8.78
CA CYS B 95 19.06 1.78 8.55
C CYS B 95 19.44 1.04 7.28
N GLU B 96 19.71 -0.25 7.40
CA GLU B 96 19.92 -1.06 6.22
C GLU B 96 18.66 -1.83 5.93
N GLN B 97 18.30 -1.89 4.65
CA GLN B 97 17.04 -2.44 4.22
C GLN B 97 17.30 -3.69 3.37
N LYS B 98 16.50 -4.74 3.62
CA LYS B 98 16.57 -5.98 2.86
C LYS B 98 15.17 -6.31 2.34
N LEU B 99 15.02 -6.41 1.03
CA LEU B 99 13.71 -6.72 0.44
C LEU B 99 13.14 -8.01 1.03
N LEU B 100 11.83 -8.05 1.23
CA LEU B 100 11.18 -9.26 1.72
C LEU B 100 11.09 -10.28 0.60
N LYS B 101 10.84 -9.80 -0.61
CA LYS B 101 10.78 -10.66 -1.79
C LYS B 101 11.63 -10.10 -2.92
N GLY B 102 12.54 -10.91 -3.44
CA GLY B 102 13.35 -10.53 -4.59
C GLY B 102 14.62 -9.75 -4.29
N GLU B 103 15.16 -9.11 -5.33
CA GLU B 103 16.39 -8.36 -5.20
C GLU B 103 16.26 -6.94 -5.76
N GLY B 104 17.30 -6.14 -5.54
CA GLY B 104 17.35 -4.75 -6.00
C GLY B 104 18.61 -4.11 -5.47
N PRO B 105 18.80 -2.80 -5.73
CA PRO B 105 20.00 -2.12 -5.25
C PRO B 105 19.99 -2.04 -3.74
N LYS B 106 21.17 -1.90 -3.13
CA LYS B 106 21.22 -1.74 -1.68
C LYS B 106 20.68 -0.36 -1.34
N THR B 107 19.66 -0.33 -0.49
CA THR B 107 19.10 0.94 -0.05
C THR B 107 19.30 1.07 1.44
N SER B 108 19.52 2.30 1.87
CA SER B 108 19.70 2.58 3.27
C SER B 108 19.19 4.00 3.53
N TRP B 109 18.89 4.29 4.78
CA TRP B 109 18.67 5.68 5.13
C TRP B 109 19.41 5.98 6.42
N THR B 110 19.69 7.26 6.67
CA THR B 110 20.28 7.63 7.95
C THR B 110 19.53 8.82 8.49
N LEU B 111 19.61 9.03 9.80
CA LEU B 111 19.07 10.23 10.43
C LEU B 111 20.11 10.76 11.40
N GLU B 112 20.45 12.04 11.29
CA GLU B 112 21.44 12.64 12.17
C GLU B 112 20.91 13.91 12.82
N LEU B 113 21.21 14.10 14.11
CA LEU B 113 20.95 15.34 14.82
C LEU B 113 22.21 16.19 14.90
N THR B 114 22.19 17.38 14.30
CA THR B 114 23.38 18.23 14.31
C THR B 114 23.49 19.00 15.61
N ASN B 115 24.65 19.61 15.83
CA ASN B 115 24.88 20.37 17.05
C ASN B 115 23.92 21.54 17.18
N ASP B 116 23.52 22.13 16.06
CA ASP B 116 22.64 23.29 16.10
C ASP B 116 21.15 22.97 15.98
N GLY B 117 20.80 21.69 16.07
CA GLY B 117 19.41 21.29 16.20
C GLY B 117 18.72 20.99 14.88
N GLU B 118 19.49 20.63 13.86
CA GLU B 118 18.92 20.28 12.57
C GLU B 118 18.87 18.77 12.44
N LEU B 119 17.79 18.28 11.83
CA LEU B 119 17.67 16.86 11.56
C LEU B 119 18.00 16.60 10.10
N ILE B 120 18.92 15.67 9.85
CA ILE B 120 19.34 15.40 8.50
C ILE B 120 18.98 13.96 8.17
N LEU B 121 18.28 13.80 7.07
CA LEU B 121 17.92 12.50 6.54
C LEU B 121 18.76 12.34 5.30
N THR B 122 19.41 11.20 5.15
CA THR B 122 19.94 10.83 3.85
C THR B 122 19.28 9.52 3.44
N MET B 123 19.07 9.36 2.14
CA MET B 123 18.60 8.10 1.59
C MET B 123 19.52 7.84 0.43
N THR B 124 19.98 6.60 0.31
CA THR B 124 20.98 6.23 -0.66
C THR B 124 20.57 4.98 -1.43
N ALA B 125 20.84 5.01 -2.73
CA ALA B 125 20.71 3.85 -3.59
C ALA B 125 21.76 4.01 -4.69
N ASP B 126 22.47 2.93 -4.97
CA ASP B 126 23.51 2.90 -5.99
C ASP B 126 24.16 4.26 -6.26
N ASP B 127 24.94 4.76 -5.31
CA ASP B 127 25.78 5.94 -5.54
C ASP B 127 25.05 7.28 -5.61
N VAL B 128 23.72 7.25 -5.49
CA VAL B 128 22.97 8.49 -5.45
C VAL B 128 22.56 8.74 -4.01
N VAL B 129 22.75 9.97 -3.56
CA VAL B 129 22.39 10.38 -2.20
C VAL B 129 21.40 11.54 -2.19
N CYS B 130 20.25 11.31 -1.56
CA CYS B 130 19.23 12.33 -1.40
C CYS B 130 19.39 12.86 0.02
N THR B 131 19.31 14.16 0.22
CA THR B 131 19.44 14.69 1.59
C THR B 131 18.29 15.63 1.88
N LYS B 132 17.62 15.48 3.02
CA LYS B 132 16.59 16.41 3.45
C LYS B 132 16.97 16.93 4.82
N VAL B 133 16.80 18.24 5.02
CA VAL B 133 17.14 18.83 6.31
C VAL B 133 15.89 19.45 6.92
N TYR B 134 15.74 19.24 8.23
CA TYR B 134 14.57 19.66 8.96
C TYR B 134 14.96 20.41 10.20
N VAL B 135 14.02 21.22 10.67
CA VAL B 135 14.14 21.86 11.96
C VAL B 135 12.89 21.56 12.76
N ARG B 136 13.00 21.70 14.08
CA ARG B 136 11.86 21.49 14.97
C ARG B 136 10.95 22.69 14.87
N GLU B 137 9.65 22.42 14.70
CA GLU B 137 8.68 23.48 14.73
C GLU B 137 8.36 23.82 16.19
C1 B3P C . -13.47 -7.55 -6.77
C2 B3P C . -13.32 -6.30 -5.91
C3 B3P C . -13.59 -7.15 -8.24
N1 B3P C . -14.37 -5.94 -8.44
C4 B3P C . -15.83 -5.91 -8.39
C5 B3P C . -16.40 -7.23 -7.87
C6 B3P C . -16.38 -5.61 -9.77
C7 B3P C . -16.25 -4.78 -7.46
N2 B3P C . -13.63 -6.53 -4.51
C8 B3P C . -14.55 -5.65 -3.81
C9 B3P C . -15.39 -4.92 -4.83
C10 B3P C . -15.46 -6.48 -2.92
C11 B3P C . -13.74 -4.64 -3.00
O1 B3P C . -16.75 -4.84 -4.38
O2 B3P C . -15.77 -7.66 -3.63
O3 B3P C . -13.99 -3.32 -3.51
O4 B3P C . -16.04 -8.32 -8.73
O5 B3P C . -17.73 -5.14 -9.66
O6 B3P C . -15.50 -3.58 -7.69
C1 B3P D . -20.33 1.87 -12.94
C3 B3P D . -20.52 2.20 -11.48
N1 B3P D . -19.71 1.34 -10.63
C4 B3P D . -19.99 1.14 -9.22
C5 B3P D . -21.36 0.50 -9.00
C6 B3P D . -19.94 2.47 -8.49
C7 B3P D . -18.90 0.19 -8.74
O4 B3P D . -21.53 -0.64 -9.84
O5 B3P D . -18.63 3.04 -8.66
O6 B3P D . -19.03 -0.03 -7.34
C1 B3P E . 12.97 6.65 4.89
C2 B3P E . 11.95 5.54 5.03
C3 B3P E . 13.08 7.46 6.18
N1 B3P E . 11.88 8.24 6.44
C4 B3P E . 11.40 8.40 7.80
C5 B3P E . 11.22 7.02 8.41
C6 B3P E . 12.46 9.19 8.58
C7 B3P E . 10.08 9.16 7.80
N2 B3P E . 11.26 5.27 3.78
C8 B3P E . 9.96 5.88 3.50
C9 B3P E . 9.08 5.81 4.75
C10 B3P E . 9.30 5.12 2.36
C11 B3P E . 10.17 7.34 3.11
O1 B3P E . 8.90 4.46 5.15
O2 B3P E . 7.91 5.45 2.27
O3 B3P E . 9.94 7.50 1.71
O4 B3P E . 10.02 6.42 7.91
O5 B3P E . 12.56 10.51 8.05
O6 B3P E . 9.97 9.99 6.64
#